data_8PQB
#
_entry.id   8PQB
#
_cell.length_a   55.670
_cell.length_b   55.670
_cell.length_c   186.080
_cell.angle_alpha   90.000
_cell.angle_beta   90.000
_cell.angle_gamma   120.000
#
_symmetry.space_group_name_H-M   'P 31 2 1'
#
loop_
_entity.id
_entity.type
_entity.pdbx_description
1 polymer 'Mast/stem cell growth factor receptor Kit'
2 non-polymer (1~{S})-1-(4-fluorophenyl)-~{N},~{N}-dimethyl-1-[2-[4-[6-(1-methylpyrazol-4-yl)pyrrolo[2,1-f][1,2,4]triazin-4-yl]piperazin-1-yl]pyrimidin-5-yl]ethanamine
3 water water
#
_entity_poly.entity_id   1
_entity_poly.type   'polypeptide(L)'
_entity_poly.pdbx_seq_one_letter_code
;GSMPMYEVQWKVVEESNGNNYSYIDPTQLPYDHKWEFPRNRLSFGKTLGAGAFGKVVEATAQGLIKSDAAMTVAVKMLKP
SAHSTEREALMSELKVLSYLGNHENIVNLLGACTHGGPTLVITEYCCYGDLLNFLRRKRDEFVPYKVAPEDLYKDFLTLE
HLLSFSYQVAKGMAFLASKNCIHRDLAARNILLTHGNITKICDFGLARDIKNDSNYVDKGNARLPVKWMAPESIFNSVYT
FESDVWSYGIFLWELFSLGSSPYPGMPVDSKFYKMIKEGFRMSSPEYAPAEMYDIMKTCWDADPDKRPTFKQIVQDIEKQ
ISESTNH
;
_entity_poly.pdbx_strand_id   A
#
# COMPACT_ATOMS: atom_id res chain seq x y z
N ASN A 20 -11.70 30.71 -12.97
CA ASN A 20 -10.32 30.95 -13.39
C ASN A 20 -9.32 30.19 -12.52
N TYR A 21 -9.81 29.52 -11.46
CA TYR A 21 -8.98 28.70 -10.59
C TYR A 21 -9.45 27.25 -10.64
N SER A 22 -8.53 26.32 -10.87
CA SER A 22 -8.87 24.91 -11.03
C SER A 22 -7.88 24.03 -10.27
N TYR A 23 -8.34 22.84 -9.92
CA TYR A 23 -7.42 21.81 -9.42
C TYR A 23 -6.62 21.25 -10.58
N ILE A 24 -5.35 20.98 -10.32
CA ILE A 24 -4.49 20.32 -11.29
C ILE A 24 -4.60 18.82 -11.02
N ASP A 25 -5.14 18.09 -12.00
CA ASP A 25 -5.32 16.64 -11.90
C ASP A 25 -4.07 15.97 -12.45
N PRO A 26 -3.29 15.27 -11.62
CA PRO A 26 -2.05 14.66 -12.12
C PRO A 26 -2.27 13.70 -13.28
N THR A 27 -3.44 13.05 -13.36
CA THR A 27 -3.70 12.12 -14.44
C THR A 27 -3.99 12.80 -15.77
N GLN A 28 -4.26 14.11 -15.76
CA GLN A 28 -4.46 14.88 -16.98
C GLN A 28 -3.15 15.48 -17.52
N LEU A 29 -2.08 15.49 -16.72
CA LEU A 29 -0.85 16.11 -17.14
C LEU A 29 -0.16 15.25 -18.19
N PRO A 30 0.67 15.87 -19.04
CA PRO A 30 1.37 15.08 -20.06
C PRO A 30 2.41 14.17 -19.42
N TYR A 31 2.66 13.06 -20.10
CA TYR A 31 3.78 12.20 -19.71
C TYR A 31 5.08 12.99 -19.73
N ASP A 32 5.89 12.83 -18.68
CA ASP A 32 7.19 13.50 -18.60
C ASP A 32 8.23 12.55 -19.19
N HIS A 33 8.81 12.93 -20.32
CA HIS A 33 9.68 12.00 -21.04
C HIS A 33 11.02 11.81 -20.35
N LYS A 34 11.28 12.54 -19.24
CA LYS A 34 12.47 12.27 -18.45
C LYS A 34 12.53 10.83 -17.98
N TRP A 35 11.38 10.14 -17.89
CA TRP A 35 11.35 8.76 -17.45
C TRP A 35 11.70 7.76 -18.55
N GLU A 36 11.74 8.16 -19.81
CA GLU A 36 11.81 7.19 -20.90
C GLU A 36 13.14 6.46 -20.90
N PHE A 37 13.07 5.14 -21.01
CA PHE A 37 14.21 4.24 -20.95
C PHE A 37 14.16 3.30 -22.15
N PRO A 38 15.31 3.02 -22.78
CA PRO A 38 15.30 2.13 -23.95
C PRO A 38 14.80 0.74 -23.60
N ARG A 39 13.76 0.30 -24.31
CA ARG A 39 13.10 -0.95 -23.96
C ARG A 39 14.06 -2.15 -24.06
N ASN A 40 14.93 -2.18 -25.06
CA ASN A 40 15.76 -3.38 -25.19
C ASN A 40 16.94 -3.39 -24.23
N ARG A 41 17.00 -2.45 -23.29
CA ARG A 41 18.01 -2.48 -22.23
C ARG A 41 17.48 -3.10 -20.95
N LEU A 42 16.26 -3.64 -20.98
CA LEU A 42 15.71 -4.43 -19.89
C LEU A 42 15.94 -5.91 -20.19
N SER A 43 16.35 -6.66 -19.18
CA SER A 43 16.45 -8.11 -19.26
C SER A 43 15.57 -8.69 -18.16
N PHE A 44 14.50 -9.37 -18.56
CA PHE A 44 13.45 -9.78 -17.62
C PHE A 44 13.82 -11.06 -16.87
N GLY A 45 13.45 -11.11 -15.60
CA GLY A 45 13.72 -12.26 -14.77
C GLY A 45 12.47 -12.85 -14.16
N LYS A 46 12.53 -13.18 -12.86
CA LYS A 46 11.48 -13.95 -12.21
C LYS A 46 10.20 -13.13 -12.02
N THR A 47 9.09 -13.86 -11.95
CA THR A 47 7.79 -13.24 -11.70
C THR A 47 7.69 -12.82 -10.23
N LEU A 48 7.29 -11.56 -10.02
CA LEU A 48 7.04 -11.07 -8.68
C LEU A 48 5.56 -11.02 -8.33
N GLY A 49 4.71 -10.86 -9.34
CA GLY A 49 3.28 -10.88 -9.15
C GLY A 49 2.65 -11.10 -10.51
N ALA A 50 1.42 -11.62 -10.50
CA ALA A 50 0.78 -11.95 -11.76
C ALA A 50 -0.71 -12.14 -11.56
N GLY A 51 -1.47 -11.78 -12.58
CA GLY A 51 -2.89 -12.03 -12.66
C GLY A 51 -3.25 -12.41 -14.08
N ALA A 52 -4.54 -12.47 -14.39
CA ALA A 52 -4.95 -12.88 -15.72
C ALA A 52 -4.61 -11.83 -16.79
N PHE A 53 -4.45 -10.56 -16.43
CA PHE A 53 -4.23 -9.52 -17.40
CA PHE A 53 -4.23 -9.51 -17.41
C PHE A 53 -2.92 -8.76 -17.22
N GLY A 54 -2.12 -9.10 -16.21
CA GLY A 54 -0.88 -8.36 -16.04
C GLY A 54 0.11 -9.12 -15.18
N LYS A 55 1.32 -8.56 -15.10
CA LYS A 55 2.33 -9.14 -14.23
C LYS A 55 3.36 -8.08 -13.86
N VAL A 56 4.07 -8.36 -12.78
CA VAL A 56 5.24 -7.60 -12.37
C VAL A 56 6.41 -8.57 -12.37
N VAL A 57 7.50 -8.20 -13.02
CA VAL A 57 8.65 -9.09 -13.11
C VAL A 57 9.90 -8.34 -12.64
N GLU A 58 10.84 -9.10 -12.11
CA GLU A 58 12.16 -8.56 -11.84
C GLU A 58 12.92 -8.41 -13.16
N ALA A 59 13.80 -7.42 -13.22
CA ALA A 59 14.60 -7.22 -14.42
C ALA A 59 15.91 -6.53 -14.07
N THR A 60 16.85 -6.62 -15.00
CA THR A 60 18.06 -5.82 -14.97
C THR A 60 17.91 -4.69 -15.99
N ALA A 61 18.30 -3.49 -15.60
CA ALA A 61 18.15 -2.30 -16.44
C ALA A 61 19.53 -1.69 -16.65
N GLN A 62 20.09 -1.89 -17.84
CA GLN A 62 21.43 -1.40 -18.16
C GLN A 62 21.38 0.12 -18.34
N GLY A 63 22.07 0.83 -17.46
CA GLY A 63 22.23 2.26 -17.58
C GLY A 63 21.28 3.11 -16.76
N LEU A 64 20.40 2.51 -15.96
CA LEU A 64 19.47 3.33 -15.17
C LEU A 64 20.21 4.11 -14.11
N MET A 71 21.41 -2.35 -12.77
CA MET A 71 20.81 -2.52 -11.45
C MET A 71 19.52 -3.33 -11.53
N THR A 72 19.11 -3.89 -10.40
CA THR A 72 17.89 -4.69 -10.35
C THR A 72 16.66 -3.79 -10.13
N VAL A 73 15.60 -4.04 -10.91
CA VAL A 73 14.37 -3.25 -10.86
C VAL A 73 13.18 -4.20 -10.98
N ALA A 74 11.99 -3.66 -10.73
CA ALA A 74 10.73 -4.34 -11.01
C ALA A 74 10.04 -3.65 -12.18
N VAL A 75 9.40 -4.44 -13.04
CA VAL A 75 8.73 -3.90 -14.22
C VAL A 75 7.27 -4.35 -14.21
N LYS A 76 6.36 -3.39 -14.16
CA LYS A 76 4.93 -3.66 -14.20
C LYS A 76 4.44 -3.55 -15.64
N MET A 77 3.72 -4.57 -16.10
CA MET A 77 3.25 -4.57 -17.49
C MET A 77 1.97 -5.37 -17.62
N LEU A 78 1.24 -5.08 -18.69
CA LEU A 78 -0.01 -5.75 -18.98
C LEU A 78 0.21 -6.88 -19.99
N LYS A 79 -0.66 -7.83 -19.96
CA LYS A 79 -0.61 -8.91 -20.93
C LYS A 79 -1.42 -8.52 -22.16
N PRO A 80 -1.15 -9.14 -23.31
CA PRO A 80 -1.87 -8.76 -24.54
C PRO A 80 -3.38 -8.90 -24.43
N SER A 81 -3.90 -9.68 -23.49
CA SER A 81 -5.33 -9.83 -23.32
C SER A 81 -5.97 -8.66 -22.57
N ALA A 82 -5.17 -7.83 -21.89
CA ALA A 82 -5.74 -6.72 -21.13
C ALA A 82 -6.51 -5.78 -22.04
N HIS A 83 -7.62 -5.25 -21.53
CA HIS A 83 -8.47 -4.34 -22.28
C HIS A 83 -7.99 -2.90 -22.11
N SER A 84 -8.56 -2.01 -22.93
CA SER A 84 -8.10 -0.63 -22.95
C SER A 84 -8.25 0.04 -21.58
N THR A 85 -9.21 -0.40 -20.77
CA THR A 85 -9.38 0.20 -19.46
C THR A 85 -8.19 -0.06 -18.55
N GLU A 86 -7.66 -1.28 -18.54
CA GLU A 86 -6.45 -1.54 -17.77
C GLU A 86 -5.26 -0.78 -18.33
N ARG A 87 -5.18 -0.62 -19.65
CA ARG A 87 -4.05 0.12 -20.23
C ARG A 87 -4.09 1.58 -19.82
N GLU A 88 -5.27 2.20 -19.85
CA GLU A 88 -5.42 3.56 -19.36
C GLU A 88 -5.09 3.63 -17.87
N ALA A 89 -5.49 2.61 -17.10
CA ALA A 89 -5.22 2.63 -15.66
C ALA A 89 -3.73 2.56 -15.37
N LEU A 90 -2.98 1.84 -16.20
CA LEU A 90 -1.53 1.74 -15.99
C LEU A 90 -0.83 3.07 -16.28
N MET A 91 -1.23 3.75 -17.36
CA MET A 91 -0.68 5.06 -17.65
C MET A 91 -1.05 6.06 -16.55
N SER A 92 -2.29 6.02 -16.07
CA SER A 92 -2.69 6.88 -14.96
C SER A 92 -1.81 6.65 -13.73
N GLU A 93 -1.48 5.38 -13.44
CA GLU A 93 -0.62 5.08 -12.30
C GLU A 93 0.78 5.63 -12.51
N LEU A 94 1.31 5.48 -13.73
CA LEU A 94 2.58 6.11 -14.07
C LEU A 94 2.54 7.61 -13.82
N LYS A 95 1.44 8.26 -14.22
CA LYS A 95 1.34 9.71 -14.07
C LYS A 95 1.21 10.14 -12.61
N VAL A 96 0.48 9.36 -11.80
CA VAL A 96 0.38 9.68 -10.38
C VAL A 96 1.75 9.57 -9.70
N LEU A 97 2.47 8.48 -9.99
CA LEU A 97 3.80 8.28 -9.41
C LEU A 97 4.77 9.37 -9.84
N SER A 98 4.68 9.79 -11.11
CA SER A 98 5.53 10.87 -11.59
C SER A 98 5.27 12.15 -10.80
N TYR A 99 4.00 12.43 -10.49
CA TYR A 99 3.66 13.64 -9.75
C TYR A 99 4.10 13.58 -8.30
N LEU A 100 3.98 12.41 -7.66
CA LEU A 100 4.21 12.30 -6.22
C LEU A 100 5.65 12.63 -5.85
N GLY A 101 6.59 12.20 -6.66
CA GLY A 101 7.99 12.35 -6.33
C GLY A 101 8.47 11.27 -5.40
N ASN A 102 9.75 11.36 -5.09
CA ASN A 102 10.45 10.30 -4.38
C ASN A 102 10.16 10.36 -2.88
N HIS A 103 9.92 9.18 -2.28
CA HIS A 103 9.85 9.09 -0.83
C HIS A 103 10.40 7.73 -0.39
N GLU A 104 11.09 7.73 0.75
CA GLU A 104 11.76 6.52 1.23
C GLU A 104 10.76 5.38 1.46
N ASN A 105 9.51 5.69 1.81
CA ASN A 105 8.56 4.66 2.19
C ASN A 105 7.54 4.35 1.10
N ILE A 106 7.82 4.68 -0.15
CA ILE A 106 7.05 4.13 -1.26
C ILE A 106 8.00 3.47 -2.24
N VAL A 107 7.46 2.55 -3.04
CA VAL A 107 8.21 1.89 -4.11
C VAL A 107 8.28 2.89 -5.24
N ASN A 108 9.45 3.50 -5.42
CA ASN A 108 9.53 4.68 -6.25
C ASN A 108 9.59 4.35 -7.73
N LEU A 109 9.00 5.25 -8.53
CA LEU A 109 9.12 5.17 -9.98
C LEU A 109 10.56 5.43 -10.39
N LEU A 110 11.11 4.59 -11.29
CA LEU A 110 12.45 4.79 -11.81
C LEU A 110 12.49 5.07 -13.31
N GLY A 111 11.50 4.63 -14.07
CA GLY A 111 11.53 4.83 -15.51
C GLY A 111 10.30 4.22 -16.14
N ALA A 112 10.19 4.42 -17.45
CA ALA A 112 9.03 3.88 -18.17
C ALA A 112 9.44 3.64 -19.62
N CYS A 113 8.72 2.73 -20.26
CA CYS A 113 8.86 2.49 -21.69
C CYS A 113 7.51 2.76 -22.33
N THR A 114 7.46 3.74 -23.23
CA THR A 114 6.18 4.09 -23.83
C THR A 114 6.16 3.96 -25.35
N HIS A 115 7.23 4.36 -26.04
CA HIS A 115 7.21 4.40 -27.50
C HIS A 115 7.11 3.00 -28.10
N GLY A 116 6.21 2.85 -29.08
CA GLY A 116 6.21 1.69 -29.95
C GLY A 116 5.99 0.36 -29.26
N GLY A 117 5.26 0.34 -28.15
CA GLY A 117 4.98 -0.88 -27.44
C GLY A 117 4.09 -0.62 -26.25
N PRO A 118 3.62 -1.68 -25.59
CA PRO A 118 2.80 -1.48 -24.40
C PRO A 118 3.61 -0.80 -23.29
N THR A 119 2.90 -0.11 -22.41
CA THR A 119 3.54 0.65 -21.36
C THR A 119 4.23 -0.28 -20.36
N LEU A 120 5.50 0.00 -20.08
CA LEU A 120 6.23 -0.65 -19.01
C LEU A 120 6.54 0.39 -17.95
N VAL A 121 6.20 0.09 -16.69
CA VAL A 121 6.47 0.99 -15.57
C VAL A 121 7.58 0.35 -14.75
N ILE A 122 8.73 1.03 -14.66
CA ILE A 122 9.90 0.52 -13.96
C ILE A 122 9.95 1.13 -12.56
N THR A 123 9.96 0.29 -11.53
CA THR A 123 9.98 0.75 -10.14
C THR A 123 11.16 0.15 -9.39
N GLU A 124 11.34 0.59 -8.14
CA GLU A 124 12.33 -0.02 -7.28
C GLU A 124 12.02 -1.48 -7.01
N TYR A 125 13.07 -2.28 -6.89
CA TYR A 125 12.93 -3.70 -6.52
C TYR A 125 13.19 -3.86 -5.03
N CYS A 126 12.25 -4.49 -4.32
CA CYS A 126 12.34 -4.71 -2.88
C CYS A 126 12.66 -6.18 -2.63
N CYS A 127 13.87 -6.45 -2.13
CA CYS A 127 14.41 -7.80 -2.21
C CYS A 127 13.71 -8.80 -1.29
N TYR A 128 12.99 -8.36 -0.26
CA TYR A 128 12.37 -9.30 0.68
C TYR A 128 10.88 -9.50 0.44
N GLY A 129 10.32 -8.93 -0.63
CA GLY A 129 8.94 -9.21 -0.98
C GLY A 129 7.93 -8.54 -0.06
N ASP A 130 6.70 -9.02 -0.11
CA ASP A 130 5.62 -8.34 0.61
C ASP A 130 5.64 -8.68 2.09
N LEU A 131 5.10 -7.75 2.88
CA LEU A 131 5.15 -7.88 4.33
C LEU A 131 4.22 -8.98 4.83
N LEU A 132 3.06 -9.16 4.18
CA LEU A 132 2.13 -10.22 4.59
C LEU A 132 2.84 -11.57 4.63
N ASN A 133 3.49 -11.94 3.52
CA ASN A 133 4.17 -13.22 3.46
C ASN A 133 5.40 -13.25 4.37
N PHE A 134 6.09 -12.12 4.52
CA PHE A 134 7.24 -12.07 5.41
C PHE A 134 6.84 -12.37 6.85
N LEU A 135 5.81 -11.68 7.35
CA LEU A 135 5.34 -11.92 8.71
C LEU A 135 4.95 -13.38 8.92
N ARG A 136 4.29 -13.97 7.93
CA ARG A 136 3.78 -15.33 8.09
C ARG A 136 4.93 -16.32 8.22
N ARG A 137 6.00 -16.13 7.45
CA ARG A 137 7.10 -17.08 7.53
C ARG A 137 8.00 -16.83 8.73
N LYS A 138 7.80 -15.72 9.46
CA LYS A 138 8.63 -15.39 10.62
C LYS A 138 7.97 -15.79 11.95
N ARG A 139 6.80 -16.45 11.92
CA ARG A 139 6.09 -16.76 13.16
C ARG A 139 6.88 -17.66 14.10
N ASP A 140 7.74 -18.52 13.58
CA ASP A 140 8.55 -19.38 14.44
C ASP A 140 9.88 -18.76 14.81
N GLU A 141 10.13 -17.52 14.39
CA GLU A 141 11.34 -16.77 14.68
C GLU A 141 10.97 -15.37 15.15
N PHE A 142 10.09 -15.30 16.13
CA PHE A 142 9.53 -14.04 16.59
C PHE A 142 9.45 -14.06 18.11
N VAL A 143 9.88 -12.98 18.75
CA VAL A 143 9.68 -12.76 20.17
C VAL A 143 8.84 -11.49 20.33
N PRO A 144 7.78 -11.53 21.12
CA PRO A 144 6.89 -10.35 21.22
C PRO A 144 7.40 -9.32 22.22
N TYR A 145 8.71 -9.09 22.27
CA TYR A 145 9.29 -8.14 23.20
C TYR A 145 10.34 -7.27 22.53
N LYS A 154 19.48 -13.61 17.60
CA LYS A 154 19.94 -13.38 16.23
C LYS A 154 18.92 -13.84 15.19
N ASP A 155 18.77 -13.04 14.13
CA ASP A 155 17.89 -13.34 12.99
C ASP A 155 16.41 -13.39 13.37
N PHE A 156 16.03 -12.84 14.52
CA PHE A 156 14.65 -12.90 15.00
C PHE A 156 13.90 -11.60 14.68
N LEU A 157 12.61 -11.76 14.37
CA LEU A 157 11.68 -10.63 14.32
C LEU A 157 11.25 -10.27 15.73
N THR A 158 11.21 -8.98 16.05
CA THR A 158 10.84 -8.55 17.39
C THR A 158 9.71 -7.52 17.34
N LEU A 159 9.20 -7.19 18.53
CA LEU A 159 8.19 -6.14 18.63
C LEU A 159 8.74 -4.80 18.17
N GLU A 160 10.05 -4.57 18.34
CA GLU A 160 10.66 -3.35 17.87
C GLU A 160 10.56 -3.24 16.35
N HIS A 161 10.70 -4.35 15.64
CA HIS A 161 10.52 -4.35 14.19
C HIS A 161 9.08 -4.03 13.80
N LEU A 162 8.11 -4.61 14.50
CA LEU A 162 6.70 -4.33 14.17
C LEU A 162 6.37 -2.87 14.43
N LEU A 163 6.90 -2.30 15.51
CA LEU A 163 6.71 -0.87 15.74
C LEU A 163 7.31 -0.04 14.61
N SER A 164 8.53 -0.40 14.18
CA SER A 164 9.17 0.31 13.07
C SER A 164 8.30 0.25 11.81
N PHE A 165 7.83 -0.94 11.45
CA PHE A 165 7.02 -1.07 10.23
C PHE A 165 5.78 -0.21 10.30
N SER A 166 5.11 -0.20 11.47
CA SER A 166 3.91 0.62 11.59
C SER A 166 4.25 2.10 11.47
N TYR A 167 5.42 2.49 11.96
CA TYR A 167 5.88 3.86 11.86
C TYR A 167 6.16 4.25 10.41
N GLN A 168 6.92 3.40 9.69
CA GLN A 168 7.30 3.72 8.32
C GLN A 168 6.08 3.79 7.41
N VAL A 169 5.13 2.85 7.55
CA VAL A 169 3.95 2.90 6.71
C VAL A 169 3.15 4.16 7.00
N ALA A 170 3.03 4.54 8.27
CA ALA A 170 2.36 5.80 8.59
C ALA A 170 3.10 6.99 7.97
N LYS A 171 4.44 6.97 7.97
CA LYS A 171 5.19 8.06 7.34
C LYS A 171 4.92 8.12 5.84
N GLY A 172 4.92 6.97 5.18
CA GLY A 172 4.62 6.94 3.76
C GLY A 172 3.21 7.42 3.44
N MET A 173 2.23 7.00 4.25
CA MET A 173 0.87 7.45 4.00
C MET A 173 0.69 8.93 4.32
N ALA A 174 1.39 9.43 5.33
CA ALA A 174 1.38 10.86 5.59
C ALA A 174 1.93 11.63 4.40
N PHE A 175 2.95 11.08 3.75
CA PHE A 175 3.49 11.70 2.55
C PHE A 175 2.44 11.76 1.44
N LEU A 176 1.77 10.63 1.18
CA LEU A 176 0.71 10.61 0.16
C LEU A 176 -0.37 11.65 0.47
N ALA A 177 -0.84 11.69 1.71
CA ALA A 177 -1.86 12.66 2.09
C ALA A 177 -1.38 14.08 1.92
N SER A 178 -0.10 14.35 2.22
CA SER A 178 0.45 15.68 2.05
C SER A 178 0.49 16.09 0.59
N LYS A 179 0.44 15.13 -0.34
CA LYS A 179 0.34 15.43 -1.76
C LYS A 179 -1.09 15.27 -2.28
N ASN A 180 -2.06 15.19 -1.37
CA ASN A 180 -3.48 15.12 -1.70
C ASN A 180 -3.85 13.83 -2.42
N CYS A 181 -3.15 12.75 -2.11
CA CYS A 181 -3.29 11.47 -2.79
CA CYS A 181 -3.38 11.50 -2.80
C CYS A 181 -3.87 10.45 -1.81
N ILE A 182 -4.77 9.60 -2.30
CA ILE A 182 -5.22 8.44 -1.55
C ILE A 182 -4.82 7.20 -2.33
N HIS A 183 -4.48 6.15 -1.60
CA HIS A 183 -3.96 4.92 -2.19
C HIS A 183 -5.09 3.95 -2.54
N ARG A 184 -6.06 3.79 -1.63
CA ARG A 184 -7.29 3.01 -1.79
C ARG A 184 -7.10 1.49 -1.75
N ASP A 185 -5.88 0.98 -1.61
CA ASP A 185 -5.70 -0.46 -1.42
C ASP A 185 -4.59 -0.72 -0.42
N LEU A 186 -4.59 0.01 0.69
CA LEU A 186 -3.59 -0.19 1.72
C LEU A 186 -3.88 -1.50 2.44
N ALA A 187 -2.87 -2.37 2.51
CA ALA A 187 -2.96 -3.69 3.11
C ALA A 187 -1.55 -4.24 3.20
N ALA A 188 -1.35 -5.20 4.12
CA ALA A 188 -0.02 -5.76 4.28
C ALA A 188 0.50 -6.38 2.99
N ARG A 189 -0.38 -6.88 2.12
CA ARG A 189 0.06 -7.44 0.85
C ARG A 189 0.64 -6.39 -0.09
N ASN A 190 0.34 -5.10 0.15
CA ASN A 190 0.86 -4.01 -0.68
C ASN A 190 1.93 -3.20 0.05
N ILE A 191 2.60 -3.80 1.04
CA ILE A 191 3.76 -3.23 1.71
C ILE A 191 4.93 -4.16 1.42
N LEU A 192 6.01 -3.62 0.86
CA LEU A 192 7.17 -4.45 0.56
C LEU A 192 8.31 -4.13 1.52
N LEU A 193 9.25 -5.06 1.60
CA LEU A 193 10.37 -4.97 2.52
C LEU A 193 11.67 -5.03 1.74
N THR A 194 12.59 -4.12 2.04
CA THR A 194 13.88 -4.10 1.35
C THR A 194 14.99 -3.93 2.37
N HIS A 195 16.23 -3.68 1.91
CA HIS A 195 17.39 -3.65 2.81
C HIS A 195 17.21 -2.59 3.89
N GLY A 196 17.87 -2.82 5.03
CA GLY A 196 17.77 -1.92 6.15
C GLY A 196 16.47 -2.01 6.92
N ASN A 197 15.68 -3.06 6.70
CA ASN A 197 14.34 -3.20 7.30
C ASN A 197 13.45 -2.01 6.94
N ILE A 198 13.55 -1.54 5.71
CA ILE A 198 12.73 -0.43 5.22
C ILE A 198 11.49 -0.99 4.53
N THR A 199 10.32 -0.44 4.87
CA THR A 199 9.06 -0.83 4.25
C THR A 199 8.61 0.24 3.26
N LYS A 200 8.00 -0.21 2.16
CA LYS A 200 7.65 0.65 1.03
C LYS A 200 6.28 0.26 0.50
N ILE A 201 5.41 1.24 0.40
CA ILE A 201 4.05 1.07 -0.13
C ILE A 201 4.14 0.87 -1.65
N CYS A 202 3.45 -0.16 -2.17
CA CYS A 202 3.46 -0.44 -3.60
C CYS A 202 2.03 -0.48 -4.15
N ASP A 203 1.94 -0.71 -5.46
CA ASP A 203 0.70 -0.82 -6.22
C ASP A 203 -0.17 0.42 -6.12
N PHE A 204 0.08 1.39 -6.98
CA PHE A 204 -0.69 2.63 -7.03
C PHE A 204 -1.75 2.60 -8.14
N GLY A 205 -2.21 1.41 -8.51
CA GLY A 205 -3.14 1.28 -9.63
C GLY A 205 -4.51 1.88 -9.34
N LEU A 206 -4.88 1.99 -8.07
CA LEU A 206 -6.13 2.61 -7.68
C LEU A 206 -5.93 3.97 -7.01
N ALA A 207 -4.69 4.46 -6.99
CA ALA A 207 -4.38 5.70 -6.30
C ALA A 207 -5.01 6.88 -7.04
N ARG A 208 -5.59 7.80 -6.27
CA ARG A 208 -6.34 8.91 -6.84
C ARG A 208 -5.91 10.21 -6.18
N ASP A 209 -5.96 11.29 -6.96
CA ASP A 209 -5.83 12.62 -6.40
C ASP A 209 -7.19 13.07 -5.88
N ILE A 210 -7.18 13.72 -4.72
CA ILE A 210 -8.40 14.31 -4.15
C ILE A 210 -8.43 15.80 -4.49
N LYS A 211 -9.57 16.27 -4.98
CA LYS A 211 -9.74 17.68 -5.31
C LYS A 211 -9.50 18.59 -4.10
N ARG A 223 -13.05 -8.19 -6.44
CA ARG A 223 -12.75 -6.99 -7.23
C ARG A 223 -12.32 -5.84 -6.32
N LEU A 224 -12.93 -5.75 -5.15
CA LEU A 224 -12.58 -4.72 -4.17
C LEU A 224 -12.19 -5.38 -2.85
N PRO A 225 -11.21 -4.85 -2.16
CA PRO A 225 -10.74 -5.52 -0.91
C PRO A 225 -11.67 -5.24 0.27
N VAL A 226 -12.84 -5.90 0.26
CA VAL A 226 -13.95 -5.48 1.12
C VAL A 226 -13.53 -5.42 2.59
N LYS A 227 -12.76 -6.42 3.06
CA LYS A 227 -12.41 -6.44 4.47
C LYS A 227 -11.43 -5.35 4.88
N TRP A 228 -10.85 -4.61 3.93
CA TRP A 228 -9.99 -3.47 4.26
C TRP A 228 -10.68 -2.14 4.08
N MET A 229 -11.94 -2.14 3.63
CA MET A 229 -12.59 -0.92 3.19
C MET A 229 -13.40 -0.28 4.31
N ALA A 230 -13.36 1.06 4.35
CA ALA A 230 -14.20 1.82 5.25
C ALA A 230 -15.68 1.61 4.90
N PRO A 231 -16.58 1.65 5.87
CA PRO A 231 -18.00 1.43 5.56
C PRO A 231 -18.56 2.42 4.55
N GLU A 232 -18.18 3.70 4.62
CA GLU A 232 -18.70 4.65 3.64
C GLU A 232 -18.20 4.36 2.22
N SER A 233 -17.05 3.70 2.09
CA SER A 233 -16.56 3.26 0.79
C SER A 233 -17.38 2.08 0.28
N ILE A 234 -17.67 1.11 1.16
CA ILE A 234 -18.52 0.00 0.77
C ILE A 234 -19.91 0.49 0.38
N PHE A 235 -20.53 1.29 1.26
CA PHE A 235 -21.95 1.59 1.11
C PHE A 235 -22.20 2.70 0.11
N ASN A 236 -21.28 3.67 0.00
CA ASN A 236 -21.51 4.86 -0.81
C ASN A 236 -20.41 5.12 -1.84
N SER A 237 -19.44 4.22 -1.97
CA SER A 237 -18.35 4.34 -2.96
C SER A 237 -17.54 5.61 -2.78
N VAL A 238 -17.49 6.11 -1.55
CA VAL A 238 -16.79 7.35 -1.21
C VAL A 238 -15.41 7.00 -0.66
N TYR A 239 -14.36 7.59 -1.24
CA TYR A 239 -12.99 7.40 -0.73
C TYR A 239 -12.39 8.75 -0.40
N THR A 240 -11.69 8.82 0.74
CA THR A 240 -11.15 10.07 1.26
C THR A 240 -9.83 9.78 1.98
N PHE A 241 -9.17 10.83 2.47
CA PHE A 241 -8.04 10.61 3.36
C PHE A 241 -8.42 9.70 4.51
N GLU A 242 -9.65 9.87 5.01
CA GLU A 242 -10.10 9.14 6.19
C GLU A 242 -10.38 7.66 5.89
N SER A 243 -10.73 7.32 4.65
CA SER A 243 -10.90 5.90 4.36
C SER A 243 -9.55 5.20 4.20
N ASP A 244 -8.50 5.91 3.77
CA ASP A 244 -7.16 5.33 3.84
C ASP A 244 -6.76 5.03 5.29
N VAL A 245 -7.18 5.89 6.22
CA VAL A 245 -6.84 5.67 7.62
C VAL A 245 -7.54 4.41 8.15
N TRP A 246 -8.78 4.17 7.74
CA TRP A 246 -9.45 2.92 8.12
C TRP A 246 -8.63 1.72 7.67
N SER A 247 -8.21 1.71 6.40
CA SER A 247 -7.41 0.60 5.88
C SER A 247 -6.10 0.45 6.64
N TYR A 248 -5.49 1.56 7.05
CA TYR A 248 -4.27 1.47 7.86
C TYR A 248 -4.55 0.75 9.17
N GLY A 249 -5.73 1.00 9.76
CA GLY A 249 -6.09 0.26 10.96
C GLY A 249 -6.15 -1.23 10.71
N ILE A 250 -6.78 -1.64 9.61
CA ILE A 250 -6.80 -3.06 9.25
C ILE A 250 -5.37 -3.57 9.05
N PHE A 251 -4.52 -2.77 8.38
CA PHE A 251 -3.12 -3.17 8.21
C PHE A 251 -2.43 -3.40 9.55
N LEU A 252 -2.68 -2.52 10.53
CA LEU A 252 -2.07 -2.72 11.86
C LEU A 252 -2.54 -4.02 12.49
N TRP A 253 -3.82 -4.37 12.32
CA TRP A 253 -4.30 -5.65 12.84
C TRP A 253 -3.56 -6.79 12.18
N GLU A 254 -3.37 -6.71 10.85
CA GLU A 254 -2.55 -7.71 10.15
C GLU A 254 -1.14 -7.77 10.74
N LEU A 255 -0.52 -6.60 10.91
CA LEU A 255 0.86 -6.52 11.37
C LEU A 255 1.02 -7.20 12.73
N PHE A 256 0.18 -6.86 13.69
CA PHE A 256 0.38 -7.34 15.05
C PHE A 256 -0.31 -8.66 15.31
N SER A 257 -0.84 -9.30 14.27
CA SER A 257 -1.21 -10.71 14.28
C SER A 257 -0.26 -11.55 13.45
N LEU A 258 0.83 -10.95 12.96
CA LEU A 258 1.81 -11.62 12.10
C LEU A 258 1.15 -12.21 10.87
N GLY A 259 0.23 -11.46 10.27
CA GLY A 259 -0.32 -11.83 8.99
C GLY A 259 -1.59 -12.64 9.00
N SER A 260 -2.36 -12.62 10.08
CA SER A 260 -3.64 -13.30 10.07
CA SER A 260 -3.65 -13.29 10.08
C SER A 260 -4.61 -12.58 9.13
N SER A 261 -5.57 -13.35 8.59
CA SER A 261 -6.64 -12.82 7.74
C SER A 261 -7.66 -12.09 8.60
N PRO A 262 -8.12 -10.92 8.18
CA PRO A 262 -9.06 -10.15 8.99
C PRO A 262 -10.42 -10.82 9.07
N TYR A 263 -11.14 -10.49 10.13
CA TYR A 263 -12.48 -11.01 10.44
C TYR A 263 -12.53 -12.53 10.19
N PRO A 264 -11.77 -13.34 10.91
CA PRO A 264 -11.69 -14.76 10.59
C PRO A 264 -13.03 -15.46 10.77
N GLY A 265 -13.32 -16.39 9.86
CA GLY A 265 -14.59 -17.09 9.91
C GLY A 265 -15.80 -16.24 9.61
N MET A 266 -15.61 -15.07 9.00
CA MET A 266 -16.73 -14.20 8.62
C MET A 266 -16.68 -13.95 7.12
N PRO A 267 -17.48 -14.67 6.33
CA PRO A 267 -17.47 -14.42 4.89
C PRO A 267 -18.05 -13.05 4.59
N VAL A 268 -17.64 -12.51 3.45
CA VAL A 268 -18.27 -11.29 2.96
C VAL A 268 -19.66 -11.65 2.46
N ASP A 269 -20.69 -11.26 3.22
CA ASP A 269 -22.07 -11.49 2.84
C ASP A 269 -22.91 -10.41 3.50
N SER A 270 -24.24 -10.54 3.41
CA SER A 270 -25.10 -9.51 3.99
C SER A 270 -24.91 -9.40 5.49
N LYS A 271 -24.55 -10.52 6.15
CA LYS A 271 -24.35 -10.47 7.59
C LYS A 271 -23.08 -9.69 7.94
N PHE A 272 -22.00 -9.88 7.16
CA PHE A 272 -20.80 -9.09 7.38
C PHE A 272 -21.09 -7.59 7.29
N TYR A 273 -21.81 -7.18 6.24
CA TYR A 273 -22.06 -5.76 6.04
C TYR A 273 -22.87 -5.17 7.19
N LYS A 274 -23.89 -5.89 7.65
CA LYS A 274 -24.69 -5.37 8.76
C LYS A 274 -23.86 -5.25 10.02
N MET A 275 -22.99 -6.22 10.27
CA MET A 275 -22.24 -6.17 11.51
C MET A 275 -21.25 -5.01 11.52
N ILE A 276 -20.56 -4.77 10.40
CA ILE A 276 -19.68 -3.61 10.32
C ILE A 276 -20.48 -2.31 10.46
N LYS A 277 -21.61 -2.22 9.76
CA LYS A 277 -22.40 -0.99 9.85
C LYS A 277 -22.88 -0.73 11.27
N GLU A 278 -23.27 -1.79 11.98
CA GLU A 278 -23.81 -1.59 13.32
C GLU A 278 -22.72 -1.50 14.39
N GLY A 279 -21.45 -1.60 14.01
CA GLY A 279 -20.35 -1.27 14.90
C GLY A 279 -19.47 -2.42 15.36
N PHE A 280 -19.61 -3.62 14.80
CA PHE A 280 -18.69 -4.69 15.16
C PHE A 280 -17.26 -4.36 14.69
N ARG A 281 -16.28 -4.65 15.53
CA ARG A 281 -14.87 -4.42 15.17
C ARG A 281 -14.03 -5.58 15.66
N MET A 282 -12.89 -5.81 15.00
CA MET A 282 -11.98 -6.85 15.47
C MET A 282 -11.42 -6.50 16.84
N SER A 283 -11.17 -7.55 17.63
CA SER A 283 -10.49 -7.41 18.91
C SER A 283 -9.01 -7.11 18.69
N SER A 284 -8.33 -6.76 19.78
CA SER A 284 -6.90 -6.53 19.70
CA SER A 284 -6.90 -6.52 19.69
C SER A 284 -6.21 -7.77 19.18
N PRO A 285 -5.31 -7.65 18.22
CA PRO A 285 -4.55 -8.83 17.76
C PRO A 285 -3.54 -9.22 18.83
N GLU A 286 -2.98 -10.41 18.66
CA GLU A 286 -2.36 -11.08 19.80
C GLU A 286 -1.10 -10.36 20.29
N TYR A 287 -0.37 -9.66 19.42
CA TYR A 287 0.88 -9.04 19.83
C TYR A 287 0.83 -7.51 19.88
N ALA A 288 -0.35 -6.91 19.70
CA ALA A 288 -0.40 -5.45 19.67
C ALA A 288 -0.25 -4.87 21.08
N PRO A 289 0.63 -3.90 21.29
CA PRO A 289 0.60 -3.16 22.55
C PRO A 289 -0.70 -2.37 22.65
N ALA A 290 -1.12 -2.07 23.88
CA ALA A 290 -2.39 -1.38 24.08
C ALA A 290 -2.44 -0.06 23.29
N GLU A 291 -1.33 0.68 23.27
CA GLU A 291 -1.31 1.97 22.57
C GLU A 291 -1.54 1.81 21.07
N MET A 292 -1.13 0.67 20.50
CA MET A 292 -1.37 0.45 19.08
C MET A 292 -2.81 0.01 18.82
N TYR A 293 -3.38 -0.81 19.71
CA TYR A 293 -4.79 -1.14 19.56
C TYR A 293 -5.66 0.10 19.69
N ASP A 294 -5.28 1.02 20.58
CA ASP A 294 -5.99 2.29 20.68
C ASP A 294 -6.00 3.02 19.33
N ILE A 295 -4.86 3.03 18.61
CA ILE A 295 -4.83 3.64 17.29
C ILE A 295 -5.80 2.93 16.36
N MET A 296 -5.75 1.58 16.35
CA MET A 296 -6.65 0.81 15.49
C MET A 296 -8.10 1.19 15.74
N LYS A 297 -8.50 1.28 17.01
CA LYS A 297 -9.90 1.53 17.32
C LYS A 297 -10.34 2.89 16.81
N THR A 298 -9.47 3.90 16.87
CA THR A 298 -9.82 5.22 16.33
C THR A 298 -9.82 5.22 14.80
N CYS A 299 -8.93 4.43 14.18
CA CYS A 299 -8.96 4.29 12.72
C CYS A 299 -10.28 3.71 12.25
N TRP A 300 -10.96 2.93 13.09
CA TRP A 300 -12.20 2.26 12.70
C TRP A 300 -13.44 2.97 13.22
N ASP A 301 -13.33 4.25 13.58
CA ASP A 301 -14.53 4.99 13.96
C ASP A 301 -15.50 5.01 12.79
N ALA A 302 -16.78 4.79 13.08
CA ALA A 302 -17.77 4.86 12.01
C ALA A 302 -17.81 6.26 11.40
N ASP A 303 -17.47 7.27 12.18
CA ASP A 303 -17.48 8.65 11.69
C ASP A 303 -16.11 9.02 11.16
N PRO A 304 -15.96 9.25 9.85
CA PRO A 304 -14.64 9.63 9.31
C PRO A 304 -14.02 10.84 10.00
N ASP A 305 -14.83 11.81 10.44
CA ASP A 305 -14.31 13.01 11.08
C ASP A 305 -13.60 12.71 12.39
N LYS A 306 -13.86 11.57 13.01
CA LYS A 306 -13.27 11.23 14.30
C LYS A 306 -12.04 10.33 14.17
N ARG A 307 -11.71 9.90 12.97
CA ARG A 307 -10.50 9.12 12.78
C ARG A 307 -9.27 10.03 12.83
N PRO A 308 -8.12 9.52 13.27
CA PRO A 308 -6.92 10.35 13.27
C PRO A 308 -6.41 10.57 11.86
N THR A 309 -5.61 11.61 11.69
CA THR A 309 -4.87 11.76 10.44
C THR A 309 -3.58 10.96 10.52
N PHE A 310 -2.97 10.70 9.36
CA PHE A 310 -1.67 10.04 9.36
C PHE A 310 -0.61 10.89 10.07
N LYS A 311 -0.65 12.21 9.87
CA LYS A 311 0.24 13.09 10.61
C LYS A 311 0.11 12.87 12.11
N GLN A 312 -1.13 12.78 12.60
CA GLN A 312 -1.35 12.50 14.02
C GLN A 312 -0.86 11.11 14.40
N ILE A 313 -1.06 10.12 13.51
CA ILE A 313 -0.61 8.76 13.81
C ILE A 313 0.91 8.71 13.91
N VAL A 314 1.60 9.38 12.99
CA VAL A 314 3.06 9.44 13.02
C VAL A 314 3.55 9.97 14.35
N GLN A 315 2.97 11.09 14.81
CA GLN A 315 3.41 11.67 16.08
C GLN A 315 3.09 10.75 17.25
N ASP A 316 1.99 10.00 17.17
CA ASP A 316 1.66 9.04 18.21
C ASP A 316 2.69 7.92 18.29
N ILE A 317 2.97 7.27 17.17
CA ILE A 317 3.95 6.18 17.15
C ILE A 317 5.34 6.70 17.51
N GLU A 318 5.65 7.95 17.14
CA GLU A 318 6.94 8.53 17.53
C GLU A 318 7.13 8.54 19.04
N LYS A 319 6.07 8.88 19.78
CA LYS A 319 6.19 8.87 21.24
C LYS A 319 6.37 7.45 21.77
N GLN A 320 5.72 6.47 21.14
CA GLN A 320 5.87 5.08 21.56
C GLN A 320 7.29 4.60 21.32
N ILE A 321 7.89 5.00 20.20
CA ILE A 321 9.25 4.56 19.87
C ILE A 321 10.25 5.13 20.86
N SER A 322 10.09 6.40 21.24
CA SER A 322 11.01 7.01 22.19
C SER A 322 10.90 6.38 23.57
N GLU A 323 9.70 5.94 23.95
CA GLU A 323 9.53 5.32 25.27
C GLU A 323 10.28 4.01 25.37
N SER A 324 10.52 3.33 24.25
CA SER A 324 11.27 2.09 24.24
C SER A 324 12.74 2.32 24.57
#